data_1OEN
#
_entry.id   1OEN
#
_cell.length_a   77.696
_cell.length_b   89.660
_cell.length_c   93.836
_cell.angle_alpha   90.00
_cell.angle_beta   90.00
_cell.angle_gamma   90.00
#
_symmetry.space_group_name_H-M   'P 21 21 21'
#
loop_
_entity.id
_entity.type
_entity.pdbx_description
1 polymer 'PHOSPHOENOLPYRUVATE CARBOXYKINASE'
2 non-polymer 'ACETATE ION'
3 water water
#
_entity_poly.entity_id   1
_entity_poly.type   'polypeptide(L)'
_entity_poly.pdbx_seq_one_letter_code
;MRVNNGLTPQELEAYGISDVHDIVYNPSYDLLYQEELDPSLTGYERGVLTNLGAVAVDTGIFTGRSPKDKYIVRDDTTRD
TFWWADKGKGKNDNKPLSPETWQHLKGLVTRQLSGKRLFVVDAFCGANPDTRLSVRFITEVAWQAHFVKNMFIRPSDEEL
AGFKPDFIVMNGAKCTNPQWKEQGLNSENFVAFNLTERMQLIGGTWYGGEMKKGMFSMMNYLLPLKGIASMHCSANVGEA
GDVAVFFGLSGSGKTTLSTDPARRLIGDDEHGWDDDGVFNFEGGSYAKTIKLSKEAEPEIYAAIRRDALLENVTVRAGGT
IDFDDGSKTENTRVSYPIYHIDNIVKPVSKAGHATKVIFLTADAFGVLPPVSRLTADQTQYHFLSGFTAAAAGTERGITE
PTPTFSACFGAAFLSLHPTQYAEVLVKRMQAAGAQAYLVNTGWNGTGKRISAADTRAIIDAILNGSLDNAETFTLPMFNL
AIPTELPGVDTGILDPRNTYASPAGWQEKAETLAKLFIDNFDKYTDTPAGAALVAAGPAL
;
_entity_poly.pdbx_strand_id   A
#
loop_
_chem_comp.id
_chem_comp.type
_chem_comp.name
_chem_comp.formula
ACT non-polymer 'ACETATE ION' 'C2 H3 O2 -1'
#
# COMPACT_ATOMS: atom_id res chain seq x y z
N GLY A 6 -29.65 7.24 8.15
CA GLY A 6 -29.78 7.11 6.66
C GLY A 6 -29.70 8.50 6.07
N LEU A 7 -29.42 8.62 4.78
CA LEU A 7 -29.35 9.94 4.18
C LEU A 7 -30.42 10.12 3.11
N THR A 8 -30.82 11.37 2.92
CA THR A 8 -31.85 11.74 1.96
C THR A 8 -31.28 12.12 0.60
N PRO A 9 -32.13 12.15 -0.44
CA PRO A 9 -31.71 12.50 -1.79
C PRO A 9 -31.17 13.92 -1.82
N GLN A 10 -31.76 14.77 -0.99
CA GLN A 10 -31.35 16.16 -0.91
C GLN A 10 -29.88 16.31 -0.54
N GLU A 11 -29.36 15.40 0.28
CA GLU A 11 -27.96 15.48 0.68
C GLU A 11 -27.01 15.27 -0.47
N LEU A 12 -27.38 14.39 -1.40
CA LEU A 12 -26.54 14.10 -2.56
C LEU A 12 -26.56 15.22 -3.60
N GLU A 13 -27.65 15.99 -3.62
CA GLU A 13 -27.76 17.09 -4.57
C GLU A 13 -26.82 18.24 -4.25
N ALA A 14 -26.30 18.23 -3.03
CA ALA A 14 -25.34 19.25 -2.62
C ALA A 14 -24.05 19.05 -3.43
N TYR A 15 -23.82 17.83 -3.93
CA TYR A 15 -22.62 17.52 -4.72
C TYR A 15 -22.80 17.79 -6.22
N GLY A 16 -24.04 18.06 -6.64
CA GLY A 16 -24.31 18.34 -8.04
C GLY A 16 -25.17 17.29 -8.73
N ILE A 17 -25.43 16.19 -8.02
CA ILE A 17 -26.24 15.09 -8.54
C ILE A 17 -27.70 15.49 -8.47
N SER A 18 -28.49 15.10 -9.48
CA SER A 18 -29.92 15.42 -9.45
C SER A 18 -30.76 14.24 -9.90
N ASP A 19 -32.07 14.35 -9.67
CA ASP A 19 -33.01 13.31 -10.04
C ASP A 19 -32.61 11.95 -9.44
N VAL A 20 -32.25 11.95 -8.16
CA VAL A 20 -31.84 10.72 -7.47
C VAL A 20 -33.03 9.77 -7.28
N HIS A 21 -33.03 8.68 -8.03
CA HIS A 21 -34.12 7.72 -7.94
C HIS A 21 -34.25 6.97 -6.62
N ASP A 22 -33.18 6.32 -6.19
CA ASP A 22 -33.21 5.52 -4.98
C ASP A 22 -31.79 5.42 -4.42
N ILE A 23 -31.66 5.44 -3.11
CA ILE A 23 -30.35 5.35 -2.47
C ILE A 23 -30.30 4.13 -1.55
N VAL A 24 -29.23 3.34 -1.66
CA VAL A 24 -29.07 2.22 -0.75
C VAL A 24 -27.82 2.57 0.07
N TYR A 25 -28.09 3.07 1.27
CA TYR A 25 -27.08 3.54 2.22
C TYR A 25 -26.51 2.39 3.05
N ASN A 26 -25.19 2.36 3.16
CA ASN A 26 -24.44 1.31 3.87
C ASN A 26 -25.12 -0.07 3.84
N PRO A 27 -25.21 -0.66 2.64
CA PRO A 27 -25.84 -1.97 2.48
C PRO A 27 -25.09 -3.08 3.23
N SER A 28 -25.85 -4.06 3.73
CA SER A 28 -25.26 -5.19 4.43
C SER A 28 -24.67 -6.13 3.40
N TYR A 29 -23.87 -7.09 3.86
CA TYR A 29 -23.28 -8.06 2.96
C TYR A 29 -24.37 -8.91 2.31
N ASP A 30 -25.44 -9.14 3.06
CA ASP A 30 -26.58 -9.90 2.59
C ASP A 30 -27.20 -9.25 1.35
N LEU A 31 -27.43 -7.95 1.42
CA LEU A 31 -28.01 -7.16 0.34
C LEU A 31 -27.08 -7.12 -0.89
N LEU A 32 -25.80 -6.84 -0.65
CA LEU A 32 -24.81 -6.75 -1.73
C LEU A 32 -24.73 -8.04 -2.54
N TYR A 33 -24.80 -9.17 -1.85
CA TYR A 33 -24.74 -10.49 -2.48
C TYR A 33 -25.90 -10.62 -3.47
N GLN A 34 -27.10 -10.23 -3.03
CA GLN A 34 -28.29 -10.28 -3.86
C GLN A 34 -28.18 -9.34 -5.06
N GLU A 35 -27.72 -8.12 -4.81
CA GLU A 35 -27.56 -7.10 -5.85
C GLU A 35 -26.60 -7.55 -6.96
N GLU A 36 -25.46 -8.11 -6.55
CA GLU A 36 -24.45 -8.56 -7.51
C GLU A 36 -24.88 -9.68 -8.42
N LEU A 37 -25.83 -10.48 -7.95
CA LEU A 37 -26.34 -11.61 -8.72
C LEU A 37 -27.56 -11.29 -9.57
N ASP A 38 -27.95 -10.02 -9.60
CA ASP A 38 -29.09 -9.60 -10.41
C ASP A 38 -28.77 -9.95 -11.86
N PRO A 39 -29.60 -10.80 -12.49
CA PRO A 39 -29.42 -11.25 -13.88
C PRO A 39 -29.51 -10.17 -14.96
N SER A 40 -30.03 -8.99 -14.62
CA SER A 40 -30.15 -7.92 -15.59
C SER A 40 -28.85 -7.13 -15.77
N LEU A 41 -27.83 -7.46 -14.99
CA LEU A 41 -26.55 -6.76 -15.08
C LEU A 41 -25.74 -7.27 -16.28
N THR A 42 -25.03 -6.35 -16.94
CA THR A 42 -24.23 -6.71 -18.10
C THR A 42 -22.84 -6.10 -18.00
N GLY A 43 -21.97 -6.51 -18.92
CA GLY A 43 -20.62 -6.00 -18.95
C GLY A 43 -19.89 -6.15 -17.64
N TYR A 44 -19.11 -5.13 -17.28
CA TYR A 44 -18.31 -5.16 -16.07
C TYR A 44 -19.09 -5.16 -14.76
N GLU A 45 -20.40 -4.90 -14.84
CA GLU A 45 -21.25 -4.90 -13.66
C GLU A 45 -21.66 -6.33 -13.29
N ARG A 46 -21.61 -7.22 -14.26
CA ARG A 46 -22.02 -8.61 -14.06
C ARG A 46 -21.21 -9.33 -12.99
N GLY A 47 -21.88 -10.13 -12.17
CA GLY A 47 -21.20 -10.87 -11.13
C GLY A 47 -21.47 -12.35 -11.32
N VAL A 48 -20.50 -13.21 -10.99
CA VAL A 48 -20.69 -14.65 -11.15
C VAL A 48 -20.34 -15.42 -9.88
N LEU A 49 -21.21 -16.34 -9.48
CA LEU A 49 -20.98 -17.12 -8.26
C LEU A 49 -19.97 -18.25 -8.51
N THR A 50 -19.01 -18.39 -7.60
CA THR A 50 -17.97 -19.42 -7.72
C THR A 50 -18.26 -20.58 -6.77
N ASN A 51 -17.56 -21.69 -6.95
CA ASN A 51 -17.76 -22.86 -6.10
C ASN A 51 -17.32 -22.63 -4.65
N LEU A 52 -16.52 -21.60 -4.41
CA LEU A 52 -16.07 -21.32 -3.05
C LEU A 52 -17.06 -20.44 -2.29
N GLY A 53 -18.13 -20.03 -2.97
CA GLY A 53 -19.15 -19.20 -2.33
C GLY A 53 -19.00 -17.70 -2.55
N ALA A 54 -17.84 -17.27 -3.02
CA ALA A 54 -17.59 -15.85 -3.26
C ALA A 54 -18.03 -15.44 -4.65
N VAL A 55 -18.34 -14.16 -4.83
CA VAL A 55 -18.74 -13.61 -6.11
C VAL A 55 -17.47 -13.13 -6.81
N ALA A 56 -17.42 -13.32 -8.12
CA ALA A 56 -16.27 -12.90 -8.93
C ALA A 56 -16.74 -11.90 -10.00
N VAL A 57 -15.92 -10.88 -10.26
CA VAL A 57 -16.24 -9.87 -11.26
C VAL A 57 -15.05 -9.67 -12.22
N ASP A 58 -15.30 -9.05 -13.37
CA ASP A 58 -14.26 -8.81 -14.36
C ASP A 58 -14.23 -7.33 -14.71
N THR A 59 -13.04 -6.74 -14.65
CA THR A 59 -12.89 -5.31 -14.93
C THR A 59 -12.36 -5.03 -16.34
N GLY A 60 -12.50 -6.01 -17.23
CA GLY A 60 -12.05 -5.84 -18.61
C GLY A 60 -10.55 -5.65 -18.76
N ILE A 61 -10.16 -4.61 -19.47
CA ILE A 61 -8.74 -4.32 -19.68
C ILE A 61 -8.15 -3.51 -18.56
N PHE A 62 -8.98 -3.12 -17.59
CA PHE A 62 -8.55 -2.33 -16.46
C PHE A 62 -8.04 -3.27 -15.37
N THR A 63 -6.87 -3.82 -15.67
CA THR A 63 -6.17 -4.79 -14.84
C THR A 63 -5.33 -4.23 -13.69
N GLY A 64 -4.93 -2.96 -13.80
CA GLY A 64 -4.12 -2.36 -12.76
C GLY A 64 -4.31 -0.86 -12.71
N ARG A 65 -3.50 -0.18 -11.91
CA ARG A 65 -3.57 1.28 -11.76
C ARG A 65 -3.17 1.98 -13.05
N SER A 66 -3.60 3.24 -13.18
CA SER A 66 -3.31 4.05 -14.35
C SER A 66 -2.59 5.31 -13.90
N PRO A 67 -1.29 5.20 -13.59
CA PRO A 67 -0.50 6.35 -13.13
C PRO A 67 -0.53 7.52 -14.12
N LYS A 68 -0.60 7.21 -15.41
CA LYS A 68 -0.63 8.24 -16.45
C LYS A 68 -1.91 9.09 -16.46
N ASP A 69 -2.96 8.58 -15.82
CA ASP A 69 -4.24 9.29 -15.77
C ASP A 69 -4.52 9.89 -14.39
N LYS A 70 -3.49 10.00 -13.56
CA LYS A 70 -3.63 10.54 -12.21
C LYS A 70 -3.27 12.03 -12.16
N TYR A 71 -4.21 12.85 -11.69
CA TYR A 71 -3.99 14.29 -11.60
C TYR A 71 -4.46 14.85 -10.26
N ILE A 72 -3.81 15.92 -9.81
CA ILE A 72 -4.16 16.59 -8.57
C ILE A 72 -4.31 18.07 -8.93
N VAL A 73 -5.39 18.70 -8.48
CA VAL A 73 -5.63 20.10 -8.75
C VAL A 73 -4.59 20.98 -8.06
N ARG A 74 -3.93 21.82 -8.83
CA ARG A 74 -2.94 22.73 -8.26
C ARG A 74 -3.66 24.04 -7.89
N ASP A 75 -3.68 24.35 -6.60
CA ASP A 75 -4.35 25.56 -6.14
C ASP A 75 -3.65 26.10 -4.90
N ASP A 76 -4.30 27.03 -4.21
CA ASP A 76 -3.73 27.61 -3.01
C ASP A 76 -3.41 26.57 -1.95
N THR A 77 -4.18 25.48 -1.92
CA THR A 77 -3.96 24.43 -0.93
C THR A 77 -2.73 23.57 -1.22
N THR A 78 -2.58 23.12 -2.46
CA THR A 78 -1.50 22.24 -2.85
C THR A 78 -0.25 22.84 -3.52
N ARG A 79 -0.38 24.04 -4.07
CA ARG A 79 0.70 24.71 -4.78
C ARG A 79 2.09 24.57 -4.15
N ASP A 80 2.20 24.94 -2.88
CA ASP A 80 3.49 24.87 -2.19
C ASP A 80 3.71 23.65 -1.31
N THR A 81 2.73 22.75 -1.21
CA THR A 81 2.90 21.58 -0.35
C THR A 81 3.08 20.26 -1.07
N PHE A 82 2.48 20.13 -2.24
CA PHE A 82 2.57 18.88 -2.99
C PHE A 82 3.91 18.62 -3.67
N TRP A 83 4.23 17.34 -3.83
CA TRP A 83 5.46 16.93 -4.50
C TRP A 83 5.08 16.80 -5.97
N TRP A 84 5.10 17.93 -6.68
CA TRP A 84 4.72 18.00 -8.10
C TRP A 84 5.64 17.29 -9.07
N ALA A 85 5.04 16.78 -10.14
CA ALA A 85 5.80 16.08 -11.16
C ALA A 85 6.57 17.01 -12.10
N ASP A 86 6.32 18.32 -11.99
CA ASP A 86 6.97 19.30 -12.87
C ASP A 86 7.80 20.40 -12.21
N LYS A 87 7.88 20.40 -10.88
CA LYS A 87 8.65 21.42 -10.17
C LYS A 87 9.91 20.82 -9.56
N GLY A 88 10.89 21.66 -9.26
CA GLY A 88 12.14 21.18 -8.65
C GLY A 88 12.79 20.11 -9.52
N LYS A 89 12.65 18.85 -9.10
CA LYS A 89 13.23 17.74 -9.85
C LYS A 89 12.17 16.72 -10.30
N GLY A 90 10.90 17.00 -10.00
CA GLY A 90 9.82 16.12 -10.38
C GLY A 90 10.04 14.68 -9.97
N LYS A 91 10.05 13.78 -10.95
CA LYS A 91 10.27 12.35 -10.71
C LYS A 91 9.07 11.68 -10.00
N ASN A 92 7.87 11.89 -10.52
CA ASN A 92 6.66 11.30 -9.92
C ASN A 92 5.41 11.44 -10.80
N ASP A 93 4.31 10.82 -10.37
CA ASP A 93 3.06 10.88 -11.12
C ASP A 93 2.09 11.97 -10.66
N ASN A 94 2.55 12.87 -9.79
CA ASN A 94 1.68 13.95 -9.30
C ASN A 94 1.54 15.08 -10.33
N LYS A 95 0.84 14.79 -11.41
CA LYS A 95 0.61 15.76 -12.48
C LYS A 95 -0.44 16.80 -12.06
N PRO A 96 -0.12 18.09 -12.19
CA PRO A 96 -1.06 19.17 -11.82
C PRO A 96 -2.26 19.28 -12.76
N LEU A 97 -3.38 19.72 -12.22
CA LEU A 97 -4.60 19.90 -12.99
C LEU A 97 -5.14 21.29 -12.66
N SER A 98 -5.72 21.94 -13.67
CA SER A 98 -6.28 23.28 -13.49
C SER A 98 -7.65 23.16 -12.84
N PRO A 99 -8.03 24.14 -12.01
CA PRO A 99 -9.33 24.11 -11.35
C PRO A 99 -10.48 24.09 -12.34
N GLU A 100 -10.32 24.75 -13.49
CA GLU A 100 -11.38 24.77 -14.48
C GLU A 100 -11.62 23.39 -15.06
N THR A 101 -10.56 22.65 -15.36
CA THR A 101 -10.73 21.31 -15.91
C THR A 101 -11.34 20.40 -14.86
N TRP A 102 -11.00 20.65 -13.60
CA TRP A 102 -11.57 19.87 -12.51
C TRP A 102 -13.10 19.96 -12.54
N GLN A 103 -13.63 21.18 -12.64
CA GLN A 103 -15.08 21.36 -12.66
C GLN A 103 -15.71 20.62 -13.84
N HIS A 104 -14.96 20.48 -14.93
CA HIS A 104 -15.48 19.76 -16.09
C HIS A 104 -15.52 18.24 -15.80
N LEU A 105 -14.45 17.71 -15.23
CA LEU A 105 -14.38 16.29 -14.89
C LEU A 105 -15.42 15.95 -13.83
N LYS A 106 -15.56 16.83 -12.85
CA LYS A 106 -16.53 16.65 -11.79
C LYS A 106 -17.93 16.64 -12.38
N GLY A 107 -18.19 17.54 -13.32
CA GLY A 107 -19.49 17.60 -13.97
C GLY A 107 -19.83 16.33 -14.73
N LEU A 108 -18.84 15.74 -15.38
CA LEU A 108 -19.07 14.50 -16.12
C LEU A 108 -19.51 13.38 -15.17
N VAL A 109 -18.88 13.30 -14.01
CA VAL A 109 -19.24 12.25 -13.04
C VAL A 109 -20.61 12.50 -12.41
N THR A 110 -20.87 13.72 -11.96
CA THR A 110 -22.15 13.99 -11.33
C THR A 110 -23.30 13.81 -12.31
N ARG A 111 -23.08 14.14 -13.58
CA ARG A 111 -24.12 13.97 -14.58
C ARG A 111 -24.33 12.48 -14.82
N GLN A 112 -23.24 11.71 -14.82
CA GLN A 112 -23.32 10.26 -15.01
C GLN A 112 -24.09 9.60 -13.89
N LEU A 113 -23.94 10.12 -12.68
CA LEU A 113 -24.61 9.57 -11.51
C LEU A 113 -26.02 10.13 -11.29
N SER A 114 -26.42 11.11 -12.08
CA SER A 114 -27.74 11.71 -11.93
C SER A 114 -28.81 10.79 -12.53
N GLY A 115 -29.98 10.76 -11.90
CA GLY A 115 -31.08 9.95 -12.39
C GLY A 115 -30.87 8.46 -12.24
N LYS A 116 -30.04 8.05 -11.27
CA LYS A 116 -29.76 6.64 -11.05
C LYS A 116 -30.07 6.21 -9.62
N ARG A 117 -30.02 4.91 -9.40
CA ARG A 117 -30.17 4.34 -8.08
C ARG A 117 -28.70 4.32 -7.64
N LEU A 118 -28.41 4.92 -6.49
CA LEU A 118 -27.03 5.00 -6.02
C LEU A 118 -26.74 4.23 -4.75
N PHE A 119 -25.50 3.77 -4.64
CA PHE A 119 -25.01 3.07 -3.46
C PHE A 119 -24.09 4.05 -2.72
N VAL A 120 -24.36 4.29 -1.46
CA VAL A 120 -23.54 5.20 -0.67
C VAL A 120 -22.96 4.43 0.52
N VAL A 121 -21.63 4.44 0.63
CA VAL A 121 -20.96 3.75 1.73
C VAL A 121 -20.10 4.72 2.54
N ASP A 122 -20.46 4.91 3.81
CA ASP A 122 -19.72 5.76 4.72
C ASP A 122 -18.79 4.83 5.46
N ALA A 123 -17.54 5.24 5.61
CA ALA A 123 -16.54 4.40 6.25
C ALA A 123 -15.43 5.24 6.86
N PHE A 124 -14.51 4.55 7.53
CA PHE A 124 -13.38 5.22 8.14
C PHE A 124 -12.07 4.72 7.52
N CYS A 125 -11.08 5.59 7.46
CA CYS A 125 -9.78 5.19 6.98
C CYS A 125 -8.92 5.51 8.20
N GLY A 126 -8.41 4.47 8.85
CA GLY A 126 -7.61 4.65 10.05
C GLY A 126 -8.37 4.00 11.21
N ALA A 127 -7.70 3.12 11.95
CA ALA A 127 -8.33 2.41 13.05
C ALA A 127 -8.40 3.12 14.40
N ASN A 128 -7.63 4.20 14.57
CA ASN A 128 -7.63 4.94 15.84
C ASN A 128 -8.62 6.09 15.71
N PRO A 129 -9.70 6.08 16.51
CA PRO A 129 -10.73 7.13 16.46
C PRO A 129 -10.25 8.58 16.44
N ASP A 130 -9.31 8.93 17.30
CA ASP A 130 -8.83 10.31 17.34
C ASP A 130 -8.11 10.83 16.10
N THR A 131 -7.59 9.94 15.25
CA THR A 131 -6.88 10.38 14.06
C THR A 131 -7.43 9.86 12.72
N ARG A 132 -8.55 9.16 12.77
CA ARG A 132 -9.14 8.61 11.55
C ARG A 132 -9.81 9.63 10.65
N LEU A 133 -9.99 9.26 9.40
CA LEU A 133 -10.59 10.10 8.37
C LEU A 133 -11.94 9.47 8.02
N SER A 134 -13.00 10.29 7.95
CA SER A 134 -14.33 9.80 7.58
C SER A 134 -14.49 9.98 6.07
N VAL A 135 -14.82 8.90 5.38
CA VAL A 135 -14.96 8.94 3.92
C VAL A 135 -16.32 8.44 3.44
N ARG A 136 -16.89 9.14 2.46
CA ARG A 136 -18.17 8.77 1.85
C ARG A 136 -17.86 8.34 0.40
N PHE A 137 -18.32 7.15 0.01
CA PHE A 137 -18.12 6.66 -1.34
C PHE A 137 -19.49 6.58 -2.01
N ILE A 138 -19.56 7.05 -3.26
CA ILE A 138 -20.80 7.03 -4.04
C ILE A 138 -20.53 6.30 -5.34
N THR A 139 -21.33 5.26 -5.62
CA THR A 139 -21.16 4.47 -6.84
C THR A 139 -22.52 4.09 -7.38
N GLU A 140 -22.60 3.73 -8.65
CA GLU A 140 -23.86 3.27 -9.20
C GLU A 140 -23.78 1.77 -9.44
N VAL A 141 -22.67 1.16 -9.02
CA VAL A 141 -22.45 -0.28 -9.19
C VAL A 141 -22.30 -0.99 -7.84
N ALA A 142 -23.10 -2.02 -7.63
CA ALA A 142 -23.07 -2.78 -6.37
C ALA A 142 -21.72 -3.37 -5.95
N TRP A 143 -21.00 -4.04 -6.86
CA TRP A 143 -19.72 -4.62 -6.45
C TRP A 143 -18.68 -3.58 -6.03
N GLN A 144 -18.82 -2.36 -6.55
CA GLN A 144 -17.89 -1.29 -6.17
C GLN A 144 -18.17 -0.89 -4.72
N ALA A 145 -19.44 -0.89 -4.34
CA ALA A 145 -19.83 -0.57 -2.98
C ALA A 145 -19.30 -1.69 -2.08
N HIS A 146 -19.35 -2.92 -2.59
CA HIS A 146 -18.86 -4.09 -1.88
C HIS A 146 -17.36 -3.95 -1.64
N PHE A 147 -16.60 -3.54 -2.66
CA PHE A 147 -15.16 -3.37 -2.53
C PHE A 147 -14.80 -2.40 -1.40
N VAL A 148 -15.45 -1.24 -1.36
CA VAL A 148 -15.12 -0.29 -0.30
C VAL A 148 -15.58 -0.74 1.10
N LYS A 149 -16.63 -1.57 1.17
CA LYS A 149 -17.12 -2.09 2.45
C LYS A 149 -16.04 -2.99 3.05
N ASN A 150 -15.44 -3.82 2.19
CA ASN A 150 -14.38 -4.73 2.61
C ASN A 150 -13.10 -3.99 3.00
N MET A 151 -12.66 -3.08 2.15
CA MET A 151 -11.40 -2.39 2.34
C MET A 151 -11.25 -1.31 3.38
N PHE A 152 -12.33 -0.66 3.76
CA PHE A 152 -12.24 0.39 4.77
C PHE A 152 -12.97 -0.08 6.03
N ILE A 153 -12.80 0.64 7.12
CA ILE A 153 -13.41 0.26 8.38
C ILE A 153 -14.90 0.57 8.41
N ARG A 154 -15.71 -0.46 8.68
CA ARG A 154 -17.16 -0.32 8.71
C ARG A 154 -17.63 0.27 10.02
N PRO A 155 -18.34 1.40 9.97
CA PRO A 155 -18.83 2.06 11.19
C PRO A 155 -19.97 1.28 11.85
N SER A 156 -20.18 1.50 13.14
CA SER A 156 -21.26 0.85 13.85
C SER A 156 -22.45 1.81 13.66
N ASP A 157 -23.67 1.34 13.96
CA ASP A 157 -24.85 2.20 13.81
C ASP A 157 -24.72 3.47 14.65
N GLU A 158 -24.02 3.38 15.76
CA GLU A 158 -23.80 4.51 16.65
C GLU A 158 -22.90 5.53 15.98
N GLU A 159 -21.81 5.04 15.38
CA GLU A 159 -20.87 5.92 14.68
C GLU A 159 -21.52 6.55 13.44
N LEU A 160 -22.43 5.80 12.84
CA LEU A 160 -23.15 6.25 11.65
C LEU A 160 -24.06 7.41 11.99
N ALA A 161 -24.53 7.45 13.23
CA ALA A 161 -25.42 8.53 13.69
C ALA A 161 -24.76 9.90 13.59
N GLY A 162 -23.50 9.99 14.00
CA GLY A 162 -22.83 11.27 13.93
C GLY A 162 -21.84 11.37 12.80
N PHE A 163 -22.12 10.70 11.68
CA PHE A 163 -21.19 10.73 10.57
C PHE A 163 -21.20 12.01 9.75
N LYS A 164 -19.99 12.52 9.51
CA LYS A 164 -19.77 13.74 8.73
C LYS A 164 -18.49 13.45 7.94
N PRO A 165 -18.61 13.24 6.62
CA PRO A 165 -17.43 12.95 5.79
C PRO A 165 -16.38 14.04 5.67
N ASP A 166 -15.12 13.65 5.79
CA ASP A 166 -13.99 14.57 5.62
C ASP A 166 -13.53 14.50 4.17
N PHE A 167 -13.91 13.42 3.49
CA PHE A 167 -13.50 13.22 2.11
C PHE A 167 -14.60 12.47 1.35
N ILE A 168 -14.82 12.84 0.10
CA ILE A 168 -15.84 12.20 -0.73
C ILE A 168 -15.27 11.66 -2.03
N VAL A 169 -15.51 10.39 -2.31
CA VAL A 169 -15.02 9.82 -3.54
C VAL A 169 -16.20 9.38 -4.39
N MET A 170 -16.23 9.86 -5.61
CA MET A 170 -17.30 9.52 -6.53
C MET A 170 -16.75 8.66 -7.64
N ASN A 171 -17.30 7.46 -7.77
CA ASN A 171 -16.84 6.55 -8.78
C ASN A 171 -17.75 6.62 -10.00
N GLY A 172 -17.25 7.19 -11.09
CA GLY A 172 -18.01 7.27 -12.32
C GLY A 172 -17.31 6.48 -13.43
N ALA A 173 -17.01 5.22 -13.15
CA ALA A 173 -16.34 4.36 -14.12
C ALA A 173 -17.02 4.30 -15.49
N LYS A 174 -18.34 4.45 -15.51
CA LYS A 174 -19.08 4.38 -16.77
C LYS A 174 -18.90 5.58 -17.70
N CYS A 175 -18.38 6.70 -17.20
CA CYS A 175 -18.22 7.85 -18.09
C CYS A 175 -16.76 8.12 -18.42
N THR A 176 -16.54 8.85 -19.51
CA THR A 176 -15.20 9.21 -19.96
C THR A 176 -15.24 10.68 -20.39
N ASN A 177 -14.07 11.27 -20.59
CA ASN A 177 -13.95 12.68 -20.98
C ASN A 177 -13.60 12.83 -22.47
N PRO A 178 -14.60 13.10 -23.32
CA PRO A 178 -14.40 13.27 -24.78
C PRO A 178 -13.49 14.44 -25.16
N GLN A 179 -13.42 15.46 -24.31
CA GLN A 179 -12.59 16.63 -24.59
C GLN A 179 -11.17 16.48 -24.08
N TRP A 180 -10.76 15.26 -23.77
CA TRP A 180 -9.42 15.05 -23.22
C TRP A 180 -8.25 15.64 -24.02
N LYS A 181 -8.26 15.45 -25.33
CA LYS A 181 -7.20 15.96 -26.20
C LYS A 181 -7.01 17.47 -26.12
N GLU A 182 -8.11 18.22 -26.25
CA GLU A 182 -8.05 19.68 -26.19
C GLU A 182 -7.61 20.15 -24.81
N GLN A 183 -7.90 19.34 -23.80
CA GLN A 183 -7.54 19.69 -22.43
C GLN A 183 -6.11 19.32 -22.06
N GLY A 184 -5.43 18.61 -22.96
CA GLY A 184 -4.05 18.24 -22.72
C GLY A 184 -3.85 17.11 -21.71
N LEU A 185 -4.84 16.22 -21.63
CA LEU A 185 -4.77 15.10 -20.71
C LEU A 185 -4.22 13.86 -21.44
N ASN A 186 -3.90 12.82 -20.67
CA ASN A 186 -3.33 11.58 -21.21
C ASN A 186 -4.30 10.75 -22.02
N SER A 187 -5.51 10.58 -21.52
CA SER A 187 -6.52 9.79 -22.20
C SER A 187 -7.90 10.28 -21.80
N GLU A 188 -8.92 9.53 -22.20
CA GLU A 188 -10.30 9.87 -21.88
C GLU A 188 -10.69 9.41 -20.46
N ASN A 189 -9.79 8.69 -19.79
CA ASN A 189 -10.04 8.22 -18.42
C ASN A 189 -9.37 9.19 -17.48
N PHE A 190 -9.69 9.11 -16.19
CA PHE A 190 -9.09 10.01 -15.21
C PHE A 190 -9.30 9.59 -13.76
N VAL A 191 -8.31 9.86 -12.93
CA VAL A 191 -8.34 9.60 -11.49
C VAL A 191 -7.84 10.93 -10.95
N ALA A 192 -8.77 11.79 -10.54
CA ALA A 192 -8.41 13.13 -10.09
C ALA A 192 -8.70 13.42 -8.63
N PHE A 193 -7.87 14.27 -8.04
CA PHE A 193 -8.02 14.66 -6.64
C PHE A 193 -8.01 16.17 -6.50
N ASN A 194 -8.81 16.66 -5.57
CA ASN A 194 -8.89 18.09 -5.27
C ASN A 194 -8.87 18.17 -3.75
N LEU A 195 -7.79 18.70 -3.20
CA LEU A 195 -7.64 18.81 -1.76
C LEU A 195 -8.40 20.00 -1.16
N THR A 196 -8.86 20.90 -2.01
CA THR A 196 -9.62 22.04 -1.51
C THR A 196 -11.06 21.60 -1.32
N GLU A 197 -11.61 20.91 -2.30
CA GLU A 197 -12.98 20.44 -2.21
C GLU A 197 -13.05 19.07 -1.52
N ARG A 198 -11.88 18.49 -1.23
CA ARG A 198 -11.76 17.18 -0.59
C ARG A 198 -12.57 16.08 -1.28
N MET A 199 -12.22 15.79 -2.54
CA MET A 199 -12.90 14.78 -3.33
C MET A 199 -11.97 14.04 -4.28
N GLN A 200 -12.37 12.85 -4.68
CA GLN A 200 -11.63 12.05 -5.65
C GLN A 200 -12.66 11.66 -6.69
N LEU A 201 -12.27 11.72 -7.96
CA LEU A 201 -13.17 11.34 -9.05
C LEU A 201 -12.49 10.21 -9.80
N ILE A 202 -13.27 9.25 -10.25
CA ILE A 202 -12.74 8.15 -11.03
C ILE A 202 -13.61 8.08 -12.27
N GLY A 203 -12.98 8.13 -13.44
CA GLY A 203 -13.73 8.06 -14.68
C GLY A 203 -13.07 7.07 -15.61
N GLY A 204 -13.87 6.26 -16.29
CA GLY A 204 -13.34 5.32 -17.24
C GLY A 204 -12.73 4.03 -16.74
N THR A 205 -11.90 4.09 -15.70
CA THR A 205 -11.28 2.87 -15.19
C THR A 205 -12.12 2.15 -14.14
N TRP A 206 -12.24 0.83 -14.31
CA TRP A 206 -13.00 -0.03 -13.41
C TRP A 206 -12.16 -0.80 -12.38
N TYR A 207 -10.85 -0.56 -12.36
CA TYR A 207 -9.98 -1.25 -11.42
C TYR A 207 -10.24 -0.84 -9.96
N GLY A 208 -10.68 -1.80 -9.14
CA GLY A 208 -10.96 -1.55 -7.74
C GLY A 208 -9.84 -0.88 -6.97
N GLY A 209 -8.60 -1.30 -7.22
CA GLY A 209 -7.46 -0.72 -6.53
C GLY A 209 -7.32 0.79 -6.59
N GLU A 210 -7.95 1.44 -7.57
CA GLU A 210 -7.86 2.90 -7.67
C GLU A 210 -8.50 3.58 -6.46
N MET A 211 -9.52 2.95 -5.89
CA MET A 211 -10.19 3.49 -4.70
C MET A 211 -9.30 3.29 -3.46
N LYS A 212 -8.70 2.11 -3.35
CA LYS A 212 -7.79 1.78 -2.24
C LYS A 212 -6.55 2.68 -2.26
N LYS A 213 -5.84 2.67 -3.39
CA LYS A 213 -4.63 3.46 -3.54
C LYS A 213 -4.85 4.97 -3.59
N GLY A 214 -6.05 5.40 -4.01
CA GLY A 214 -6.35 6.82 -4.04
C GLY A 214 -6.40 7.38 -2.63
N MET A 215 -7.09 6.67 -1.73
CA MET A 215 -7.19 7.12 -0.35
C MET A 215 -5.83 7.02 0.36
N PHE A 216 -5.03 6.03 -0.03
CA PHE A 216 -3.70 5.89 0.56
C PHE A 216 -2.87 7.14 0.24
N SER A 217 -2.94 7.61 -1.02
CA SER A 217 -2.22 8.80 -1.45
C SER A 217 -2.69 10.04 -0.69
N MET A 218 -3.98 10.11 -0.39
CA MET A 218 -4.54 11.24 0.36
C MET A 218 -4.08 11.20 1.83
N MET A 219 -4.05 10.01 2.42
CA MET A 219 -3.60 9.84 3.80
C MET A 219 -2.11 10.23 3.85
N ASN A 220 -1.39 9.89 2.78
CA ASN A 220 0.04 10.19 2.67
C ASN A 220 0.26 11.69 2.61
N TYR A 221 -0.79 12.44 2.29
CA TYR A 221 -0.67 13.88 2.26
C TYR A 221 -1.06 14.47 3.61
N LEU A 222 -2.26 14.11 4.07
CA LEU A 222 -2.80 14.64 5.33
C LEU A 222 -2.08 14.30 6.63
N LEU A 223 -1.74 13.03 6.84
CA LEU A 223 -1.09 12.59 8.08
C LEU A 223 0.29 13.15 8.44
N PRO A 224 1.27 13.05 7.51
CA PRO A 224 2.61 13.57 7.82
C PRO A 224 2.58 15.05 8.19
N LEU A 225 1.63 15.78 7.61
CA LEU A 225 1.46 17.21 7.90
C LEU A 225 1.06 17.40 9.37
N LYS A 226 0.44 16.39 9.96
CA LYS A 226 0.04 16.44 11.37
C LYS A 226 1.10 15.78 12.26
N GLY A 227 2.19 15.31 11.65
CA GLY A 227 3.23 14.65 12.43
C GLY A 227 2.94 13.18 12.70
N ILE A 228 2.08 12.60 11.87
CA ILE A 228 1.72 11.19 12.00
C ILE A 228 2.36 10.45 10.83
N ALA A 229 3.10 9.39 11.12
CA ALA A 229 3.75 8.62 10.06
C ALA A 229 2.71 7.84 9.25
N SER A 230 2.92 7.82 7.95
CA SER A 230 2.03 7.12 7.02
C SER A 230 2.99 6.12 6.35
N MET A 231 2.73 4.82 6.49
CA MET A 231 3.65 3.82 5.99
C MET A 231 3.06 2.72 5.13
N HIS A 232 3.85 2.30 4.16
CA HIS A 232 3.47 1.22 3.27
C HIS A 232 4.21 0.00 3.83
N CYS A 233 3.54 -0.73 4.73
CA CYS A 233 4.18 -1.86 5.39
C CYS A 233 3.15 -2.80 6.01
N SER A 234 3.63 -3.94 6.49
CA SER A 234 2.77 -4.89 7.20
C SER A 234 3.17 -4.69 8.66
N ALA A 235 2.33 -5.13 9.59
CA ALA A 235 2.65 -4.97 11.01
C ALA A 235 2.02 -6.09 11.83
N ASN A 236 2.76 -6.60 12.80
CA ASN A 236 2.24 -7.67 13.67
C ASN A 236 2.66 -7.47 15.13
N VAL A 237 2.05 -8.22 16.04
CA VAL A 237 2.33 -8.07 17.48
C VAL A 237 2.62 -9.39 18.16
N GLY A 238 3.56 -9.37 19.11
CA GLY A 238 3.90 -10.57 19.86
C GLY A 238 3.09 -10.73 21.14
N GLU A 239 3.29 -11.86 21.83
CA GLU A 239 2.57 -12.14 23.07
C GLU A 239 2.73 -11.03 24.12
N ALA A 240 3.91 -10.42 24.17
CA ALA A 240 4.17 -9.35 25.13
C ALA A 240 3.66 -7.99 24.66
N GLY A 241 2.99 -7.96 23.50
CA GLY A 241 2.47 -6.72 22.98
C GLY A 241 3.51 -5.91 22.23
N ASP A 242 4.64 -6.53 21.94
CA ASP A 242 5.71 -5.86 21.20
C ASP A 242 5.30 -5.82 19.73
N VAL A 243 5.37 -4.65 19.11
CA VAL A 243 5.00 -4.56 17.70
C VAL A 243 6.17 -4.28 16.75
N ALA A 244 6.12 -4.93 15.60
CA ALA A 244 7.15 -4.78 14.58
C ALA A 244 6.47 -4.40 13.26
N VAL A 245 7.13 -3.56 12.47
CA VAL A 245 6.63 -3.16 11.16
C VAL A 245 7.63 -3.66 10.10
N PHE A 246 7.12 -4.18 8.99
CA PHE A 246 7.96 -4.72 7.94
C PHE A 246 7.78 -3.98 6.61
N PHE A 247 8.88 -3.53 6.02
CA PHE A 247 8.86 -2.83 4.73
C PHE A 247 9.57 -3.72 3.72
N GLY A 248 9.10 -3.73 2.48
CA GLY A 248 9.73 -4.56 1.49
C GLY A 248 8.92 -4.60 0.21
N LEU A 249 9.62 -4.54 -0.92
CA LEU A 249 8.98 -4.57 -2.22
C LEU A 249 8.75 -6.01 -2.66
N SER A 250 8.23 -6.20 -3.87
CA SER A 250 7.97 -7.53 -4.39
C SER A 250 9.24 -8.37 -4.34
N GLY A 251 9.09 -9.64 -3.98
CA GLY A 251 10.24 -10.52 -3.93
C GLY A 251 11.02 -10.50 -2.63
N SER A 252 10.86 -9.45 -1.83
CA SER A 252 11.58 -9.34 -0.57
C SER A 252 11.13 -10.35 0.49
N GLY A 253 9.90 -10.84 0.34
CA GLY A 253 9.34 -11.81 1.27
C GLY A 253 8.64 -11.17 2.45
N LYS A 254 8.23 -9.91 2.27
CA LYS A 254 7.55 -9.16 3.32
C LYS A 254 6.39 -9.94 3.92
N THR A 255 5.41 -10.26 3.08
CA THR A 255 4.22 -11.00 3.48
C THR A 255 4.50 -12.30 4.22
N THR A 256 5.36 -13.15 3.65
CA THR A 256 5.66 -14.42 4.27
C THR A 256 6.34 -14.28 5.64
N LEU A 257 7.30 -13.38 5.73
CA LEU A 257 8.01 -13.16 6.99
C LEU A 257 7.16 -12.51 8.09
N SER A 258 6.12 -11.78 7.69
CA SER A 258 5.23 -11.13 8.66
C SER A 258 4.12 -12.08 9.11
N THR A 259 4.11 -13.27 8.52
CA THR A 259 3.12 -14.28 8.87
C THR A 259 3.78 -15.18 9.92
N ASP A 260 3.29 -15.09 11.16
CA ASP A 260 3.85 -15.88 12.25
C ASP A 260 2.72 -16.27 13.21
N PRO A 261 2.52 -17.59 13.42
CA PRO A 261 1.46 -18.08 14.32
C PRO A 261 1.53 -17.54 15.74
N ALA A 262 2.71 -17.10 16.15
CA ALA A 262 2.91 -16.56 17.50
C ALA A 262 2.76 -15.04 17.54
N ARG A 263 2.43 -14.43 16.40
CA ARG A 263 2.27 -12.98 16.32
C ARG A 263 1.01 -12.60 15.55
N ARG A 264 0.13 -11.85 16.21
CA ARG A 264 -1.13 -11.41 15.62
C ARG A 264 -0.91 -10.31 14.56
N LEU A 265 -1.64 -10.40 13.46
CA LEU A 265 -1.52 -9.42 12.40
C LEU A 265 -2.34 -8.16 12.66
N ILE A 266 -1.73 -6.99 12.51
CA ILE A 266 -2.45 -5.73 12.67
C ILE A 266 -3.01 -5.44 11.27
N GLY A 267 -2.16 -5.55 10.26
CA GLY A 267 -2.56 -5.30 8.89
C GLY A 267 -1.45 -5.69 7.94
N ASP A 268 -1.78 -5.83 6.66
CA ASP A 268 -0.78 -6.23 5.69
C ASP A 268 -0.25 -5.16 4.73
N ASP A 269 -0.81 -3.96 4.72
CA ASP A 269 -0.37 -3.04 3.69
C ASP A 269 -0.20 -1.55 3.98
N GLU A 270 -1.11 -0.98 4.76
CA GLU A 270 -1.07 0.44 5.05
C GLU A 270 -1.26 0.72 6.53
N HIS A 271 -0.30 1.44 7.12
CA HIS A 271 -0.36 1.78 8.54
C HIS A 271 0.06 3.19 8.83
N GLY A 272 -0.40 3.70 9.97
CA GLY A 272 -0.06 5.03 10.42
C GLY A 272 0.56 4.85 11.79
N TRP A 273 1.25 5.86 12.29
CA TRP A 273 1.89 5.77 13.59
C TRP A 273 1.72 7.11 14.26
N ASP A 274 0.79 7.17 15.21
CA ASP A 274 0.52 8.41 15.95
C ASP A 274 0.96 8.31 17.42
N ASP A 275 0.48 9.23 18.26
CA ASP A 275 0.81 9.24 19.69
C ASP A 275 0.47 7.95 20.43
N ASP A 276 -0.57 7.26 19.97
CA ASP A 276 -1.02 6.04 20.63
C ASP A 276 -0.37 4.74 20.17
N GLY A 277 0.22 4.77 18.97
CA GLY A 277 0.84 3.58 18.45
C GLY A 277 0.61 3.37 16.98
N VAL A 278 0.75 2.12 16.53
CA VAL A 278 0.57 1.76 15.13
C VAL A 278 -0.86 1.32 14.83
N PHE A 279 -1.44 1.88 13.77
CA PHE A 279 -2.80 1.52 13.37
C PHE A 279 -2.94 1.21 11.89
N ASN A 280 -3.85 0.28 11.57
CA ASN A 280 -4.14 -0.12 10.20
C ASN A 280 -5.07 0.95 9.61
N PHE A 281 -4.86 1.32 8.34
CA PHE A 281 -5.72 2.27 7.65
C PHE A 281 -6.97 1.55 7.15
N GLU A 282 -6.79 0.26 6.85
CA GLU A 282 -7.82 -0.59 6.27
C GLU A 282 -8.66 -1.50 7.15
N GLY A 283 -9.78 -1.94 6.57
CA GLY A 283 -10.68 -2.84 7.26
C GLY A 283 -10.70 -4.20 6.56
N GLY A 284 -9.81 -4.37 5.59
CA GLY A 284 -9.74 -5.62 4.85
C GLY A 284 -8.41 -5.81 4.16
N SER A 285 -8.29 -6.88 3.39
CA SER A 285 -7.06 -7.19 2.68
C SER A 285 -7.38 -7.36 1.20
N TYR A 286 -6.53 -6.81 0.34
CA TYR A 286 -6.67 -6.88 -1.11
C TYR A 286 -5.48 -7.73 -1.56
N ALA A 287 -5.67 -9.04 -1.57
CA ALA A 287 -4.61 -9.97 -1.89
C ALA A 287 -4.51 -10.42 -3.34
N LYS A 288 -3.27 -10.66 -3.79
CA LYS A 288 -2.97 -11.15 -5.14
C LYS A 288 -3.30 -12.64 -5.13
N THR A 289 -3.89 -13.15 -6.21
CA THR A 289 -4.24 -14.56 -6.24
C THR A 289 -3.64 -15.47 -7.30
N ILE A 290 -2.65 -15.00 -8.07
CA ILE A 290 -2.03 -15.87 -9.09
C ILE A 290 -1.28 -17.04 -8.48
N LYS A 291 -1.53 -18.24 -9.01
CA LYS A 291 -0.89 -19.47 -8.53
C LYS A 291 -1.19 -19.73 -7.06
N LEU A 292 -2.30 -19.18 -6.58
CA LEU A 292 -2.69 -19.36 -5.19
C LEU A 292 -2.98 -20.84 -4.93
N SER A 293 -2.39 -21.37 -3.87
CA SER A 293 -2.58 -22.78 -3.51
C SER A 293 -2.96 -22.90 -2.06
N LYS A 294 -3.85 -23.83 -1.76
CA LYS A 294 -4.30 -24.08 -0.39
C LYS A 294 -3.12 -24.54 0.46
N GLU A 295 -2.13 -25.15 -0.19
CA GLU A 295 -0.94 -25.66 0.46
C GLU A 295 0.01 -24.56 0.93
N ALA A 296 0.35 -23.65 0.01
CA ALA A 296 1.26 -22.55 0.32
C ALA A 296 0.65 -21.41 1.13
N GLU A 297 -0.54 -20.96 0.75
CA GLU A 297 -1.19 -19.86 1.46
C GLU A 297 -2.54 -20.27 2.03
N PRO A 298 -2.54 -21.08 3.10
CA PRO A 298 -3.79 -21.54 3.71
C PRO A 298 -4.65 -20.41 4.30
N GLU A 299 -4.03 -19.37 4.84
CA GLU A 299 -4.76 -18.25 5.42
C GLU A 299 -5.59 -17.50 4.37
N ILE A 300 -4.95 -17.16 3.25
CA ILE A 300 -5.61 -16.44 2.18
C ILE A 300 -6.68 -17.30 1.52
N TYR A 301 -6.33 -18.55 1.21
CA TYR A 301 -7.26 -19.46 0.56
C TYR A 301 -8.54 -19.58 1.36
N ALA A 302 -8.41 -19.79 2.66
CA ALA A 302 -9.56 -19.94 3.55
C ALA A 302 -10.39 -18.65 3.68
N ALA A 303 -9.78 -17.51 3.43
CA ALA A 303 -10.48 -16.23 3.50
C ALA A 303 -11.46 -16.09 2.34
N ILE A 304 -11.23 -16.84 1.27
CA ILE A 304 -12.08 -16.79 0.08
C ILE A 304 -13.35 -17.61 0.25
N ARG A 305 -14.42 -16.92 0.61
CA ARG A 305 -15.74 -17.51 0.81
C ARG A 305 -16.75 -16.38 0.63
N ARG A 306 -18.02 -16.61 0.92
CA ARG A 306 -19.03 -15.56 0.77
C ARG A 306 -18.61 -14.31 1.51
N ASP A 307 -18.78 -13.17 0.85
CA ASP A 307 -18.45 -11.82 1.33
C ASP A 307 -17.10 -11.34 0.81
N ALA A 308 -16.28 -12.28 0.33
CA ALA A 308 -15.00 -11.93 -0.27
C ALA A 308 -15.41 -11.55 -1.70
N LEU A 309 -14.57 -10.79 -2.42
CA LEU A 309 -14.89 -10.39 -3.78
C LEU A 309 -13.69 -10.65 -4.70
N LEU A 310 -13.86 -11.61 -5.60
CA LEU A 310 -12.81 -12.00 -6.54
C LEU A 310 -12.78 -11.05 -7.73
N GLU A 311 -11.58 -10.71 -8.18
CA GLU A 311 -11.43 -9.76 -9.27
C GLU A 311 -10.52 -10.28 -10.37
N ASN A 312 -11.10 -10.43 -11.57
CA ASN A 312 -10.41 -10.90 -12.78
C ASN A 312 -9.85 -12.33 -12.79
N VAL A 313 -10.26 -13.17 -11.84
CA VAL A 313 -9.78 -14.54 -11.84
C VAL A 313 -10.61 -15.35 -12.83
N THR A 314 -10.04 -16.43 -13.36
CA THR A 314 -10.74 -17.26 -14.32
C THR A 314 -11.64 -18.27 -13.64
N VAL A 315 -12.93 -18.27 -13.99
CA VAL A 315 -13.86 -19.23 -13.44
C VAL A 315 -14.51 -20.02 -14.59
N ARG A 316 -14.49 -21.34 -14.46
CA ARG A 316 -15.05 -22.23 -15.47
C ARG A 316 -16.54 -22.40 -15.21
N ALA A 317 -17.28 -22.81 -16.25
CA ALA A 317 -18.73 -23.05 -16.16
C ALA A 317 -19.03 -23.98 -14.98
N GLY A 318 -18.19 -24.99 -14.83
CA GLY A 318 -18.30 -25.96 -13.75
C GLY A 318 -16.85 -26.04 -13.29
N GLY A 319 -16.57 -26.55 -12.09
CA GLY A 319 -15.17 -26.61 -11.65
C GLY A 319 -14.66 -25.26 -11.19
N THR A 320 -15.27 -24.21 -11.76
CA THR A 320 -14.98 -22.83 -11.43
C THR A 320 -13.57 -22.24 -11.44
N ILE A 321 -13.08 -21.80 -10.28
CA ILE A 321 -11.80 -21.11 -10.21
C ILE A 321 -10.50 -21.79 -10.65
N ASP A 322 -9.79 -21.10 -11.52
CA ASP A 322 -8.51 -21.53 -12.03
C ASP A 322 -7.53 -20.42 -11.62
N PHE A 323 -7.04 -20.49 -10.38
CA PHE A 323 -6.11 -19.49 -9.86
C PHE A 323 -4.79 -19.42 -10.63
N ASP A 324 -4.49 -20.44 -11.41
CA ASP A 324 -3.26 -20.47 -12.17
C ASP A 324 -3.34 -19.73 -13.50
N ASP A 325 -4.54 -19.61 -14.05
CA ASP A 325 -4.71 -18.93 -15.33
C ASP A 325 -4.36 -17.45 -15.24
N GLY A 326 -3.24 -17.08 -15.83
CA GLY A 326 -2.82 -15.70 -15.84
C GLY A 326 -2.74 -15.16 -17.26
N SER A 327 -3.53 -15.73 -18.15
CA SER A 327 -3.55 -15.31 -19.55
C SER A 327 -4.02 -13.87 -19.73
N LYS A 328 -5.05 -13.47 -18.96
CA LYS A 328 -5.59 -12.12 -19.03
C LYS A 328 -4.69 -11.14 -18.28
N THR A 329 -4.30 -11.52 -17.07
CA THR A 329 -3.45 -10.68 -16.27
C THR A 329 -2.87 -11.51 -15.14
N GLU A 330 -1.76 -11.05 -14.60
CA GLU A 330 -1.13 -11.73 -13.48
C GLU A 330 -1.55 -11.00 -12.20
N ASN A 331 -2.26 -9.88 -12.36
CA ASN A 331 -2.73 -9.08 -11.23
C ASN A 331 -4.16 -9.45 -10.82
N THR A 332 -4.42 -10.74 -10.65
CA THR A 332 -5.73 -11.20 -10.21
C THR A 332 -5.78 -10.89 -8.72
N ARG A 333 -6.94 -10.46 -8.22
CA ARG A 333 -7.06 -10.09 -6.81
C ARG A 333 -8.32 -10.63 -6.14
N VAL A 334 -8.34 -10.50 -4.83
CA VAL A 334 -9.47 -10.86 -4.01
C VAL A 334 -9.42 -9.94 -2.80
N SER A 335 -10.57 -9.36 -2.46
CA SER A 335 -10.65 -8.51 -1.27
C SER A 335 -11.60 -9.22 -0.31
N TYR A 336 -11.38 -9.04 0.99
CA TYR A 336 -12.23 -9.64 2.01
C TYR A 336 -12.07 -8.87 3.30
N PRO A 337 -13.12 -8.86 4.14
CA PRO A 337 -13.01 -8.15 5.41
C PRO A 337 -11.92 -8.79 6.25
N ILE A 338 -11.20 -7.99 7.01
CA ILE A 338 -10.09 -8.50 7.79
C ILE A 338 -10.42 -9.68 8.73
N TYR A 339 -11.64 -9.73 9.24
CA TYR A 339 -12.00 -10.82 10.15
C TYR A 339 -12.06 -12.21 9.48
N HIS A 340 -11.86 -12.27 8.18
CA HIS A 340 -11.83 -13.56 7.50
C HIS A 340 -10.49 -14.24 7.82
N ILE A 341 -9.59 -13.53 8.50
CA ILE A 341 -8.29 -14.07 8.90
C ILE A 341 -8.40 -14.26 10.41
N ASP A 342 -8.08 -15.45 10.90
CA ASP A 342 -8.19 -15.73 12.32
C ASP A 342 -7.14 -15.06 13.20
N ASN A 343 -5.88 -15.21 12.81
CA ASN A 343 -4.76 -14.67 13.58
C ASN A 343 -4.54 -13.16 13.46
N ILE A 344 -5.51 -12.38 13.89
CA ILE A 344 -5.42 -10.93 13.81
C ILE A 344 -5.63 -10.24 15.15
N VAL A 345 -5.28 -8.96 15.22
CA VAL A 345 -5.49 -8.17 16.43
C VAL A 345 -6.97 -7.76 16.38
N LYS A 346 -7.70 -8.09 17.42
CA LYS A 346 -9.11 -7.75 17.47
C LYS A 346 -9.43 -7.27 18.88
N PRO A 347 -10.53 -6.52 19.06
CA PRO A 347 -11.54 -6.08 18.08
C PRO A 347 -11.17 -4.89 17.19
N VAL A 348 -10.09 -4.17 17.52
CA VAL A 348 -9.67 -3.03 16.73
C VAL A 348 -8.28 -3.25 16.16
N SER A 349 -8.09 -2.87 14.90
CA SER A 349 -6.81 -3.07 14.23
C SER A 349 -5.75 -2.02 14.58
N LYS A 350 -5.24 -2.06 15.80
CA LYS A 350 -4.20 -1.14 16.24
C LYS A 350 -3.52 -1.69 17.47
N ALA A 351 -2.34 -1.18 17.77
CA ALA A 351 -1.58 -1.64 18.93
C ALA A 351 -0.67 -0.53 19.45
N GLY A 352 0.29 -0.89 20.29
CA GLY A 352 1.22 0.09 20.85
C GLY A 352 2.26 0.58 19.87
N HIS A 353 3.32 1.19 20.40
CA HIS A 353 4.38 1.70 19.54
C HIS A 353 5.33 0.60 19.04
N ALA A 354 5.77 0.70 17.79
CA ALA A 354 6.69 -0.28 17.21
C ALA A 354 8.07 -0.13 17.82
N THR A 355 8.69 -1.24 18.17
CA THR A 355 10.03 -1.20 18.73
C THR A 355 11.07 -1.83 17.79
N LYS A 356 10.60 -2.44 16.69
CA LYS A 356 11.48 -3.07 15.70
C LYS A 356 10.99 -2.71 14.30
N VAL A 357 11.86 -2.09 13.52
CA VAL A 357 11.54 -1.69 12.15
C VAL A 357 12.42 -2.55 11.23
N ILE A 358 11.80 -3.28 10.31
CA ILE A 358 12.57 -4.15 9.44
C ILE A 358 12.42 -3.82 7.96
N PHE A 359 13.54 -3.51 7.31
CA PHE A 359 13.57 -3.21 5.88
C PHE A 359 14.07 -4.48 5.19
N LEU A 360 13.26 -5.02 4.28
CA LEU A 360 13.64 -6.22 3.57
C LEU A 360 14.06 -5.87 2.15
N THR A 361 15.08 -6.56 1.66
CA THR A 361 15.55 -6.35 0.30
C THR A 361 16.11 -7.66 -0.23
N ALA A 362 16.24 -7.73 -1.55
CA ALA A 362 16.79 -8.91 -2.22
C ALA A 362 17.93 -8.39 -3.08
N ASP A 363 19.14 -8.44 -2.54
CA ASP A 363 20.30 -7.97 -3.27
C ASP A 363 20.87 -9.01 -4.25
N ALA A 364 20.44 -8.91 -5.50
CA ALA A 364 20.91 -9.82 -6.55
C ALA A 364 22.37 -9.53 -6.93
N PHE A 365 22.92 -8.41 -6.45
CA PHE A 365 24.31 -8.05 -6.71
C PHE A 365 25.22 -8.83 -5.75
N GLY A 366 24.65 -9.36 -4.69
CA GLY A 366 25.42 -10.13 -3.71
C GLY A 366 26.46 -9.32 -2.97
N VAL A 367 26.11 -8.10 -2.59
CA VAL A 367 27.02 -7.20 -1.87
C VAL A 367 26.63 -6.99 -0.40
N LEU A 368 25.34 -6.75 -0.17
CA LEU A 368 24.81 -6.50 1.17
C LEU A 368 24.78 -7.72 2.08
N PRO A 369 24.95 -7.52 3.40
CA PRO A 369 24.95 -8.59 4.40
C PRO A 369 23.52 -9.10 4.64
N PRO A 370 23.39 -10.33 5.17
CA PRO A 370 22.08 -10.90 5.46
C PRO A 370 21.31 -10.00 6.44
N VAL A 371 22.03 -9.42 7.38
CA VAL A 371 21.42 -8.54 8.38
C VAL A 371 22.42 -7.49 8.89
N SER A 372 21.93 -6.27 9.08
CA SER A 372 22.72 -5.16 9.59
C SER A 372 21.84 -4.36 10.53
N ARG A 373 22.43 -3.79 11.57
CA ARG A 373 21.68 -2.96 12.50
C ARG A 373 21.96 -1.52 12.03
N LEU A 374 20.89 -0.82 11.66
CA LEU A 374 21.00 0.54 11.15
C LEU A 374 21.07 1.64 12.20
N THR A 375 21.76 2.73 11.85
CA THR A 375 21.85 3.90 12.72
C THR A 375 20.64 4.76 12.32
N ALA A 376 20.29 5.76 13.11
CA ALA A 376 19.15 6.62 12.77
C ALA A 376 19.25 7.25 11.37
N ASP A 377 20.42 7.77 11.01
CA ASP A 377 20.62 8.39 9.71
C ASP A 377 20.59 7.37 8.59
N GLN A 378 21.12 6.18 8.87
CA GLN A 378 21.12 5.11 7.87
C GLN A 378 19.70 4.62 7.61
N THR A 379 18.86 4.67 8.64
CA THR A 379 17.47 4.26 8.54
C THR A 379 16.79 5.19 7.53
N GLN A 380 17.03 6.48 7.70
CA GLN A 380 16.47 7.48 6.79
C GLN A 380 17.01 7.27 5.37
N TYR A 381 18.33 7.13 5.24
CA TYR A 381 18.95 6.92 3.92
C TYR A 381 18.37 5.72 3.17
N HIS A 382 18.35 4.58 3.83
CA HIS A 382 17.84 3.37 3.21
C HIS A 382 16.32 3.35 3.01
N PHE A 383 15.58 4.10 3.84
CA PHE A 383 14.13 4.17 3.71
C PHE A 383 13.85 4.93 2.41
N LEU A 384 14.63 5.99 2.20
CA LEU A 384 14.51 6.83 1.00
C LEU A 384 14.93 6.11 -0.28
N SER A 385 15.99 5.30 -0.20
CA SER A 385 16.49 4.55 -1.36
C SER A 385 15.50 3.50 -1.86
N GLY A 386 14.90 2.74 -0.94
CA GLY A 386 13.94 1.70 -1.29
C GLY A 386 14.49 0.74 -2.33
N PHE A 387 15.69 0.23 -2.07
CA PHE A 387 16.39 -0.68 -2.99
C PHE A 387 15.98 -2.16 -2.97
N THR A 388 16.12 -2.77 -4.14
CA THR A 388 15.88 -4.19 -4.35
C THR A 388 16.35 -4.44 -5.78
N ALA A 389 16.78 -5.67 -6.08
CA ALA A 389 17.26 -6.00 -7.42
C ALA A 389 16.74 -7.36 -7.84
N ALA A 390 16.67 -7.59 -9.15
CA ALA A 390 16.17 -8.86 -9.67
C ALA A 390 17.06 -9.48 -10.74
N ALA A 391 16.73 -10.71 -11.13
CA ALA A 391 17.42 -11.50 -12.17
C ALA A 391 18.92 -11.64 -12.00
N ALA A 392 19.31 -12.53 -11.09
CA ALA A 392 20.72 -12.82 -10.81
C ALA A 392 20.77 -13.82 -9.68
N PRO A 401 21.64 -8.35 -13.14
CA PRO A 401 20.81 -7.88 -12.02
C PRO A 401 20.23 -6.51 -12.36
N THR A 402 18.92 -6.37 -12.17
CA THR A 402 18.25 -5.11 -12.46
C THR A 402 17.82 -4.47 -11.15
N PRO A 403 18.43 -3.33 -10.78
CA PRO A 403 18.11 -2.61 -9.55
C PRO A 403 16.82 -1.79 -9.63
N THR A 404 16.19 -1.62 -8.49
CA THR A 404 14.97 -0.85 -8.37
C THR A 404 15.08 -0.03 -7.10
N PHE A 405 14.74 1.24 -7.20
CA PHE A 405 14.78 2.14 -6.06
C PHE A 405 13.39 2.76 -6.02
N SER A 406 12.63 2.44 -4.99
CA SER A 406 11.30 3.00 -4.82
C SER A 406 11.32 3.77 -3.51
N ALA A 407 11.30 5.10 -3.60
CA ALA A 407 11.33 5.95 -2.42
C ALA A 407 10.30 5.53 -1.39
N CYS A 408 10.75 5.40 -0.14
CA CYS A 408 9.88 5.02 0.99
C CYS A 408 9.13 3.70 0.76
N PHE A 409 9.67 2.85 -0.10
CA PHE A 409 9.06 1.56 -0.40
C PHE A 409 7.65 1.71 -0.97
N GLY A 410 7.37 2.86 -1.60
CA GLY A 410 6.06 3.08 -2.19
C GLY A 410 5.99 4.42 -2.88
N ALA A 411 6.93 4.66 -3.79
CA ALA A 411 7.01 5.94 -4.51
C ALA A 411 5.75 6.42 -5.23
N ALA A 412 5.00 5.49 -5.80
CA ALA A 412 3.79 5.81 -6.56
C ALA A 412 2.63 6.41 -5.78
N PHE A 413 2.71 6.40 -4.45
CA PHE A 413 1.63 6.93 -3.62
C PHE A 413 2.04 8.10 -2.73
N LEU A 414 3.26 8.59 -2.95
CA LEU A 414 3.79 9.70 -2.18
C LEU A 414 3.20 11.03 -2.68
N SER A 415 2.76 11.87 -1.76
CA SER A 415 2.17 13.16 -2.11
C SER A 415 3.04 14.33 -1.65
N LEU A 416 3.90 14.06 -0.68
CA LEU A 416 4.83 15.04 -0.12
C LEU A 416 6.24 14.63 -0.57
N HIS A 417 7.22 15.49 -0.34
CA HIS A 417 8.60 15.15 -0.71
C HIS A 417 9.00 13.94 0.16
N PRO A 418 9.62 12.92 -0.46
CA PRO A 418 10.05 11.73 0.27
C PRO A 418 10.71 11.98 1.62
N THR A 419 11.54 13.02 1.70
CA THR A 419 12.23 13.33 2.95
C THR A 419 11.27 13.57 4.11
N GLN A 420 10.06 14.05 3.81
CA GLN A 420 9.07 14.31 4.86
C GLN A 420 8.65 13.03 5.58
N TYR A 421 8.47 11.95 4.82
CA TYR A 421 8.08 10.66 5.36
C TYR A 421 9.21 10.09 6.25
N ALA A 422 10.45 10.24 5.81
CA ALA A 422 11.59 9.74 6.56
C ALA A 422 11.72 10.44 7.90
N GLU A 423 11.55 11.75 7.89
CA GLU A 423 11.64 12.55 9.09
C GLU A 423 10.65 12.13 10.18
N VAL A 424 9.38 11.99 9.80
CA VAL A 424 8.35 11.60 10.77
C VAL A 424 8.58 10.18 11.29
N LEU A 425 9.04 9.29 10.40
CA LEU A 425 9.31 7.90 10.78
C LEU A 425 10.33 7.85 11.94
N VAL A 426 11.51 8.46 11.76
CA VAL A 426 12.53 8.43 12.79
C VAL A 426 12.13 9.21 14.04
N LYS A 427 11.26 10.19 13.89
CA LYS A 427 10.79 10.96 15.04
C LYS A 427 10.01 10.02 15.96
N ARG A 428 9.12 9.21 15.38
CA ARG A 428 8.33 8.26 16.16
C ARG A 428 9.19 7.11 16.66
N MET A 429 10.17 6.69 15.87
CA MET A 429 11.08 5.62 16.29
C MET A 429 11.89 6.05 17.52
N GLN A 430 12.39 7.28 17.50
CA GLN A 430 13.17 7.77 18.62
C GLN A 430 12.36 7.87 19.90
N ALA A 431 11.09 8.27 19.79
CA ALA A 431 10.22 8.38 20.97
C ALA A 431 9.93 7.00 21.56
N ALA A 432 10.05 5.96 20.73
CA ALA A 432 9.81 4.60 21.17
C ALA A 432 11.10 3.82 21.43
N GLY A 433 12.23 4.40 21.07
CA GLY A 433 13.50 3.72 21.24
C GLY A 433 13.54 2.49 20.33
N ALA A 434 12.93 2.60 19.14
CA ALA A 434 12.88 1.50 18.21
C ALA A 434 14.21 1.30 17.50
N GLN A 435 14.46 0.08 17.04
CA GLN A 435 15.69 -0.25 16.33
C GLN A 435 15.34 -0.72 14.94
N ALA A 436 16.10 -0.24 13.95
CA ALA A 436 15.88 -0.63 12.55
C ALA A 436 16.96 -1.60 12.07
N TYR A 437 16.56 -2.52 11.22
CA TYR A 437 17.44 -3.53 10.64
C TYR A 437 17.23 -3.68 9.14
N LEU A 438 18.32 -3.90 8.42
CA LEU A 438 18.27 -4.11 6.99
C LEU A 438 18.52 -5.62 6.81
N VAL A 439 17.55 -6.32 6.25
CA VAL A 439 17.65 -7.76 6.04
C VAL A 439 17.65 -8.08 4.55
N ASN A 440 18.73 -8.71 4.09
CA ASN A 440 18.89 -9.07 2.68
C ASN A 440 18.63 -10.55 2.45
N THR A 441 17.52 -10.85 1.79
CA THR A 441 17.15 -12.22 1.49
C THR A 441 17.50 -12.58 0.03
N GLY A 442 18.37 -11.79 -0.59
CA GLY A 442 18.74 -12.01 -1.97
C GLY A 442 19.83 -13.02 -2.26
N TRP A 443 20.04 -13.28 -3.55
CA TRP A 443 21.05 -14.25 -4.01
C TRP A 443 21.58 -13.74 -5.36
N ASN A 444 22.88 -13.83 -5.57
CA ASN A 444 23.49 -13.37 -6.83
C ASN A 444 23.41 -14.40 -7.97
N GLY A 445 22.83 -15.56 -7.69
CA GLY A 445 22.70 -16.57 -8.72
C GLY A 445 23.77 -17.66 -8.76
N THR A 446 24.77 -17.60 -7.89
CA THR A 446 25.81 -18.61 -7.90
C THR A 446 26.10 -19.15 -6.50
N GLY A 447 26.26 -20.46 -6.40
CA GLY A 447 26.57 -21.09 -5.12
C GLY A 447 25.38 -21.25 -4.19
N LYS A 448 25.67 -21.56 -2.93
CA LYS A 448 24.64 -21.75 -1.93
C LYS A 448 23.92 -20.43 -1.59
N ARG A 449 22.60 -20.42 -1.70
CA ARG A 449 21.81 -19.23 -1.40
C ARG A 449 21.34 -19.30 0.04
N ILE A 450 20.82 -18.18 0.55
CA ILE A 450 20.31 -18.08 1.92
C ILE A 450 19.01 -18.87 2.02
N SER A 451 18.92 -19.76 3.00
CA SER A 451 17.73 -20.59 3.17
C SER A 451 16.64 -19.91 3.99
N ALA A 452 15.39 -20.28 3.70
CA ALA A 452 14.23 -19.75 4.43
C ALA A 452 14.42 -19.95 5.93
N ALA A 453 15.04 -21.08 6.30
CA ALA A 453 15.31 -21.39 7.69
C ALA A 453 16.24 -20.35 8.31
N ASP A 454 17.29 -20.00 7.57
CA ASP A 454 18.24 -18.99 8.06
C ASP A 454 17.54 -17.66 8.19
N THR A 455 16.75 -17.32 7.18
CA THR A 455 16.01 -16.06 7.17
C THR A 455 15.11 -15.92 8.39
N ARG A 456 14.41 -17.00 8.73
CA ARG A 456 13.52 -17.02 9.89
C ARG A 456 14.33 -16.87 11.19
N ALA A 457 15.51 -17.48 11.23
CA ALA A 457 16.38 -17.41 12.40
C ALA A 457 16.82 -15.97 12.62
N ILE A 458 17.12 -15.28 11.52
CA ILE A 458 17.54 -13.88 11.57
C ILE A 458 16.40 -13.02 12.15
N ILE A 459 15.19 -13.21 11.62
CA ILE A 459 14.02 -12.45 12.08
C ILE A 459 13.78 -12.70 13.57
N ASP A 460 13.87 -13.96 13.98
CA ASP A 460 13.68 -14.31 15.40
C ASP A 460 14.68 -13.59 16.26
N ALA A 461 15.94 -13.55 15.82
CA ALA A 461 17.00 -12.88 16.58
C ALA A 461 16.70 -11.39 16.73
N ILE A 462 16.13 -10.80 15.69
CA ILE A 462 15.76 -9.38 15.71
C ILE A 462 14.62 -9.19 16.70
N LEU A 463 13.53 -9.90 16.48
CA LEU A 463 12.35 -9.79 17.31
C LEU A 463 12.54 -10.04 18.80
N ASN A 464 13.41 -10.99 19.16
CA ASN A 464 13.64 -11.28 20.57
C ASN A 464 14.61 -10.33 21.28
N GLY A 465 15.12 -9.36 20.53
CA GLY A 465 16.03 -8.38 21.11
C GLY A 465 17.50 -8.74 21.19
N SER A 466 17.86 -9.92 20.71
CA SER A 466 19.24 -10.40 20.73
C SER A 466 20.28 -9.48 20.05
N LEU A 467 19.95 -9.00 18.86
CA LEU A 467 20.88 -8.16 18.12
C LEU A 467 20.96 -6.72 18.61
N ASP A 468 20.01 -6.33 19.47
CA ASP A 468 19.95 -4.96 19.98
C ASP A 468 21.23 -4.40 20.60
N ASN A 469 21.88 -5.20 21.44
CA ASN A 469 23.10 -4.75 22.10
C ASN A 469 24.27 -5.66 21.78
N ALA A 470 24.22 -6.31 20.63
CA ALA A 470 25.25 -7.24 20.20
C ALA A 470 26.52 -6.53 19.68
N GLU A 471 27.65 -7.22 19.79
CA GLU A 471 28.92 -6.69 19.31
C GLU A 471 28.84 -6.85 17.79
N THR A 472 29.39 -5.90 17.05
CA THR A 472 29.34 -5.95 15.60
C THR A 472 30.67 -5.54 14.98
N PHE A 473 30.75 -5.70 13.66
CA PHE A 473 31.92 -5.29 12.88
C PHE A 473 31.34 -4.57 11.68
N THR A 474 32.04 -3.54 11.20
CA THR A 474 31.57 -2.75 10.07
C THR A 474 31.95 -3.27 8.69
N LEU A 475 31.01 -3.14 7.76
CA LEU A 475 31.22 -3.53 6.37
C LEU A 475 31.75 -2.29 5.65
N PRO A 476 32.87 -2.42 4.92
CA PRO A 476 33.48 -1.30 4.18
C PRO A 476 32.55 -0.64 3.16
N MET A 477 32.78 0.64 2.92
CA MET A 477 32.02 1.44 1.97
C MET A 477 30.60 1.78 2.38
N PHE A 478 29.79 0.76 2.68
CA PHE A 478 28.43 0.98 3.09
C PHE A 478 28.36 1.30 4.58
N ASN A 479 29.41 0.94 5.31
CA ASN A 479 29.52 1.19 6.74
C ASN A 479 28.39 0.59 7.57
N LEU A 480 27.98 -0.62 7.21
CA LEU A 480 26.90 -1.31 7.92
C LEU A 480 27.43 -2.13 9.09
N ALA A 481 26.73 -2.07 10.22
CA ALA A 481 27.12 -2.82 11.42
C ALA A 481 26.55 -4.23 11.35
N ILE A 482 27.42 -5.23 11.28
CA ILE A 482 27.01 -6.62 11.21
C ILE A 482 27.30 -7.33 12.53
N PRO A 483 26.32 -8.05 13.07
CA PRO A 483 26.50 -8.78 14.34
C PRO A 483 27.59 -9.84 14.24
N THR A 484 28.44 -9.94 15.26
CA THR A 484 29.53 -10.90 15.28
C THR A 484 29.12 -12.35 15.14
N GLU A 485 27.99 -12.71 15.76
CA GLU A 485 27.48 -14.06 15.69
C GLU A 485 25.98 -14.07 15.92
N LEU A 486 25.29 -15.04 15.33
CA LEU A 486 23.83 -15.14 15.46
C LEU A 486 23.43 -16.57 15.75
N PRO A 487 22.72 -16.80 16.86
CA PRO A 487 22.26 -18.13 17.28
C PRO A 487 21.39 -18.82 16.24
N GLY A 488 21.81 -20.01 15.84
CA GLY A 488 21.08 -20.77 14.85
C GLY A 488 21.53 -20.47 13.44
N VAL A 489 22.58 -19.68 13.30
CA VAL A 489 23.09 -19.32 11.99
C VAL A 489 24.61 -19.46 11.91
N ASP A 490 25.07 -19.96 10.76
CA ASP A 490 26.49 -20.15 10.50
C ASP A 490 27.19 -18.79 10.41
N THR A 491 28.00 -18.49 11.41
CA THR A 491 28.74 -17.23 11.48
C THR A 491 29.39 -16.89 10.14
N GLY A 492 29.72 -17.92 9.38
CA GLY A 492 30.34 -17.70 8.09
C GLY A 492 29.52 -16.82 7.15
N ILE A 493 28.23 -17.10 7.05
CA ILE A 493 27.34 -16.36 6.16
C ILE A 493 27.06 -14.90 6.51
N LEU A 494 27.45 -14.49 7.71
CA LEU A 494 27.21 -13.11 8.14
C LEU A 494 28.02 -12.07 7.36
N ASP A 495 29.19 -12.47 6.88
CA ASP A 495 30.03 -11.56 6.12
C ASP A 495 29.79 -11.85 4.64
N PRO A 496 29.24 -10.86 3.89
CA PRO A 496 28.96 -11.02 2.46
C PRO A 496 30.20 -11.29 1.62
N ARG A 497 31.36 -10.88 2.11
CA ARG A 497 32.62 -11.07 1.40
C ARG A 497 32.99 -12.55 1.31
N ASN A 498 32.60 -13.31 2.34
CA ASN A 498 32.89 -14.75 2.42
C ASN A 498 32.25 -15.57 1.30
N THR A 499 31.35 -14.96 0.53
CA THR A 499 30.71 -15.68 -0.56
C THR A 499 31.59 -15.64 -1.82
N TYR A 500 32.60 -14.79 -1.79
CA TYR A 500 33.51 -14.63 -2.91
C TYR A 500 34.90 -15.18 -2.55
N ALA A 504 39.68 -6.86 -4.54
CA ALA A 504 38.77 -7.15 -5.69
C ALA A 504 37.71 -8.15 -5.26
N GLY A 505 36.95 -8.67 -6.22
CA GLY A 505 35.90 -9.64 -5.94
C GLY A 505 34.63 -8.95 -5.47
N TRP A 506 34.42 -8.97 -4.16
CA TRP A 506 33.27 -8.32 -3.53
C TRP A 506 33.42 -6.82 -3.75
N GLN A 507 34.63 -6.31 -3.52
CA GLN A 507 34.94 -4.89 -3.68
C GLN A 507 34.48 -4.34 -5.01
N GLU A 508 34.77 -5.08 -6.07
CA GLU A 508 34.40 -4.66 -7.42
C GLU A 508 32.88 -4.53 -7.56
N LYS A 509 32.15 -5.46 -6.94
CA LYS A 509 30.69 -5.44 -7.01
C LYS A 509 30.16 -4.31 -6.12
N ALA A 510 30.77 -4.15 -4.94
CA ALA A 510 30.37 -3.12 -3.98
C ALA A 510 30.49 -1.71 -4.56
N GLU A 511 31.51 -1.49 -5.39
CA GLU A 511 31.70 -0.19 -6.01
C GLU A 511 30.59 0.08 -7.00
N THR A 512 30.19 -0.96 -7.74
CA THR A 512 29.12 -0.85 -8.73
C THR A 512 27.82 -0.45 -8.06
N LEU A 513 27.47 -1.16 -6.99
CA LEU A 513 26.22 -0.90 -6.26
C LEU A 513 26.25 0.45 -5.55
N ALA A 514 27.38 0.78 -4.93
CA ALA A 514 27.54 2.05 -4.23
C ALA A 514 27.29 3.22 -5.22
N LYS A 515 27.80 3.08 -6.44
CA LYS A 515 27.61 4.10 -7.47
C LYS A 515 26.13 4.27 -7.82
N LEU A 516 25.40 3.15 -7.86
CA LEU A 516 23.97 3.15 -8.15
C LEU A 516 23.19 3.92 -7.09
N PHE A 517 23.47 3.61 -5.81
CA PHE A 517 22.83 4.29 -4.70
C PHE A 517 23.06 5.80 -4.79
N ILE A 518 24.33 6.18 -4.88
CA ILE A 518 24.73 7.59 -4.97
C ILE A 518 24.00 8.30 -6.12
N ASP A 519 23.99 7.66 -7.28
CA ASP A 519 23.32 8.20 -8.45
C ASP A 519 21.84 8.45 -8.16
N ASN A 520 21.20 7.47 -7.55
CA ASN A 520 19.79 7.57 -7.23
C ASN A 520 19.47 8.65 -6.18
N PHE A 521 20.26 8.70 -5.11
CA PHE A 521 20.02 9.65 -4.04
C PHE A 521 20.15 11.12 -4.41
N ASP A 522 20.88 11.41 -5.47
CA ASP A 522 21.05 12.80 -5.90
C ASP A 522 19.69 13.49 -6.11
N LYS A 523 18.64 12.69 -6.32
CA LYS A 523 17.29 13.19 -6.52
C LYS A 523 16.75 14.00 -5.32
N TYR A 524 17.31 13.78 -4.13
CA TYR A 524 16.81 14.48 -2.95
C TYR A 524 17.80 15.41 -2.29
N THR A 525 18.97 15.57 -2.89
CA THR A 525 20.01 16.43 -2.32
C THR A 525 19.69 17.93 -2.31
N ASP A 526 18.68 18.33 -3.08
CA ASP A 526 18.28 19.72 -3.16
C ASP A 526 17.78 20.23 -1.81
N THR A 527 17.02 19.38 -1.12
CA THR A 527 16.48 19.72 0.19
C THR A 527 17.57 19.61 1.25
N PRO A 528 17.49 20.44 2.32
CA PRO A 528 18.48 20.40 3.39
C PRO A 528 18.53 19.02 4.03
N ALA A 529 17.37 18.36 4.10
CA ALA A 529 17.25 17.03 4.67
C ALA A 529 18.01 16.00 3.81
N GLY A 530 17.64 15.90 2.54
CA GLY A 530 18.32 14.96 1.66
C GLY A 530 19.81 15.22 1.65
N ALA A 531 20.17 16.49 1.52
CA ALA A 531 21.57 16.93 1.48
C ALA A 531 22.36 16.40 2.68
N ALA A 532 21.83 16.60 3.88
CA ALA A 532 22.50 16.15 5.08
C ALA A 532 22.65 14.63 5.13
N LEU A 533 21.74 13.93 4.47
CA LEU A 533 21.73 12.48 4.45
C LEU A 533 22.81 11.81 3.61
N VAL A 534 23.37 12.54 2.65
CA VAL A 534 24.40 11.97 1.77
C VAL A 534 25.55 11.32 2.55
N ALA A 535 25.90 11.91 3.69
CA ALA A 535 26.98 11.40 4.52
C ALA A 535 26.67 10.06 5.18
N ALA A 536 25.41 9.63 5.11
CA ALA A 536 25.01 8.36 5.70
C ALA A 536 25.00 7.25 4.66
N GLY A 537 25.19 7.62 3.40
CA GLY A 537 25.20 6.64 2.34
C GLY A 537 26.56 6.03 2.04
N PRO A 538 26.66 5.24 0.97
CA PRO A 538 27.91 4.58 0.56
C PRO A 538 29.01 5.60 0.25
N ALA A 539 30.21 5.31 0.71
CA ALA A 539 31.36 6.18 0.47
C ALA A 539 32.30 5.45 -0.48
N LEU A 540 32.36 5.92 -1.72
CA LEU A 540 33.23 5.31 -2.72
C LEU A 540 34.25 6.32 -3.22
C ACT B . 1.77 -3.84 -4.02
O ACT B . 2.45 -4.25 -3.05
OXT ACT B . 1.67 -2.62 -4.31
CH3 ACT B . 0.70 -4.78 -4.58
#